data_2H7F
#
_entry.id   2H7F
#
_cell.length_a   68.523
_cell.length_b   138.232
_cell.length_c   113.079
_cell.angle_alpha   90.000
_cell.angle_beta   90.000
_cell.angle_gamma   90.000
#
_symmetry.space_group_name_H-M   'C 2 2 21'
#
loop_
_entity.id
_entity.type
_entity.pdbx_description
1 polymer "5'-D(*TP*TP*GP*TP*CP*GP*CP*CP*CP*TP*T)-3'"
2 polymer "5'-D(*TP*AP*AP*TP*AP*AP*GP*GP*GP*CP*GP*AP*CP*A)-3'"
3 polymer 'DNA topoisomerase 1'
4 water water
#
loop_
_entity_poly.entity_id
_entity_poly.type
_entity_poly.pdbx_seq_one_letter_code
_entity_poly.pdbx_strand_id
1 'polydeoxyribonucleotide' (DT)(DT)(DG)(DT)(DC)(DG)(DC)(DC)(DC)(DT)(DT) Y
2 'polydeoxyribonucleotide' (DT)(DA)(DA)(DT)(DA)(DA)(DG)(DG)(DG)(DC)(DG)(DA)(DC)(DA) Z
3 'polypeptide(L)'
;MRALFYKDGKLFTDNNFLNPVSDNNPAYEVLQHVKIPTHLTDVVVYGQTWEEALTRLIFVGSDSKGRRQYFYGKMHVQNR
NAKRDRIFVRVYNVMKRINSFINKNIKKSSTDSNYQLAVFMLMETMFFIRFGKMKYLKENETVGLLTLKNKHIEISPDKI
VIKFVGKDKVSHEFVVHKSNRLYKPLLKLTDDSSPEEFLFNKLSERKVYESIKQFGIRIKDLRTYGVNYTFLYNFWTNVK
SISPLPSPKKLIALTIKQTAEVVGHTPSISKRA(PTR)MATTILEMVKDKNFLDVVSKTTFDEFLSIVVDHVKSSTDG
;
X
#
loop_
_chem_comp.id
_chem_comp.type
_chem_comp.name
_chem_comp.formula
DA DNA linking 2'-DEOXYADENOSINE-5'-MONOPHOSPHATE 'C10 H14 N5 O6 P'
DC DNA linking 2'-DEOXYCYTIDINE-5'-MONOPHOSPHATE 'C9 H14 N3 O7 P'
DG DNA linking 2'-DEOXYGUANOSINE-5'-MONOPHOSPHATE 'C10 H14 N5 O7 P'
DT DNA linking THYMIDINE-5'-MONOPHOSPHATE 'C10 H15 N2 O8 P'
#
# COMPACT_ATOMS: atom_id res chain seq x y z
N MET C 1 -22.35 -19.09 7.26
CA MET C 1 -22.39 -17.67 6.83
C MET C 1 -23.60 -17.38 5.94
N ARG C 2 -24.80 -17.63 6.46
CA ARG C 2 -26.04 -17.35 5.74
C ARG C 2 -26.20 -15.82 5.60
N ALA C 3 -26.66 -15.37 4.44
CA ALA C 3 -26.90 -13.93 4.19
C ALA C 3 -28.24 -13.51 4.79
N LEU C 4 -28.24 -12.47 5.63
CA LEU C 4 -29.53 -11.93 6.12
C LEU C 4 -29.72 -10.48 5.70
N PHE C 5 -30.96 -10.09 5.45
CA PHE C 5 -31.23 -8.77 4.92
C PHE C 5 -31.69 -7.78 6.00
N TYR C 6 -31.08 -6.60 5.98
CA TYR C 6 -31.31 -5.55 6.99
C TYR C 6 -32.24 -4.46 6.46
N LYS C 7 -33.09 -3.95 7.34
CA LYS C 7 -34.00 -2.85 7.02
C LYS C 7 -34.52 -2.31 8.34
N ASP C 8 -34.24 -1.03 8.61
CA ASP C 8 -34.71 -0.31 9.79
C ASP C 8 -34.55 -1.06 11.13
N GLY C 9 -33.31 -1.42 11.45
CA GLY C 9 -32.99 -2.06 12.72
C GLY C 9 -33.47 -3.50 12.92
N LYS C 10 -34.21 -4.03 11.93
CA LYS C 10 -34.62 -5.43 12.02
C LYS C 10 -34.20 -6.30 10.83
N LEU C 11 -34.15 -7.62 11.08
CA LEU C 11 -33.53 -8.61 10.21
C LEU C 11 -34.51 -9.58 9.54
N PHE C 12 -34.28 -9.82 8.25
CA PHE C 12 -35.11 -10.75 7.45
C PHE C 12 -34.24 -11.72 6.63
N THR C 13 -34.82 -12.87 6.29
CA THR C 13 -34.20 -13.88 5.41
C THR C 13 -34.51 -13.59 3.93
N ASP C 14 -35.41 -12.54 3.80
CA ASP C 14 -36.03 -12.22 2.53
C ASP C 14 -35.42 -10.99 1.89
N ASN C 15 -35.19 -11.10 0.60
CA ASN C 15 -34.79 -9.99 -0.26
C ASN C 15 -35.62 -8.70 -0.05
N ASN C 16 -36.94 -8.83 -0.12
CA ASN C 16 -37.86 -7.70 0.08
C ASN C 16 -38.66 -7.72 1.39
N PHE C 17 -37.95 -8.11 2.46
CA PHE C 17 -38.26 -7.78 3.86
C PHE C 17 -39.57 -8.29 4.44
N LEU C 18 -40.27 -9.15 3.69
CA LEU C 18 -41.29 -10.01 4.30
C LEU C 18 -40.48 -11.04 5.08
N ASN C 19 -41.13 -11.83 5.93
CA ASN C 19 -40.48 -12.96 6.62
C ASN C 19 -39.28 -12.66 7.55
N PRO C 20 -39.54 -12.11 8.74
CA PRO C 20 -38.45 -11.72 9.65
C PRO C 20 -37.80 -12.91 10.32
N VAL C 21 -36.53 -12.78 10.69
CA VAL C 21 -35.81 -13.83 11.42
C VAL C 21 -36.32 -13.99 12.85
N SER C 22 -35.79 -14.98 13.56
CA SER C 22 -36.14 -15.20 14.94
C SER C 22 -35.58 -14.11 15.86
N ASP C 23 -36.33 -13.81 16.91
CA ASP C 23 -35.99 -12.78 17.88
C ASP C 23 -34.68 -13.07 18.62
N ASN C 24 -34.43 -14.35 18.89
CA ASN C 24 -33.22 -14.79 19.59
C ASN C 24 -32.01 -15.07 18.68
N ASN C 25 -32.23 -15.05 17.37
CA ASN C 25 -31.15 -15.18 16.39
C ASN C 25 -29.93 -14.39 16.88
N PRO C 26 -28.75 -15.05 16.92
CA PRO C 26 -27.44 -14.49 17.30
C PRO C 26 -27.05 -13.18 16.62
N ALA C 27 -27.57 -12.93 15.41
CA ALA C 27 -27.23 -11.72 14.66
C ALA C 27 -27.60 -10.44 15.41
N TYR C 28 -28.68 -10.48 16.19
CA TYR C 28 -29.11 -9.31 16.94
C TYR C 28 -28.11 -8.91 18.02
N GLU C 29 -27.30 -9.87 18.46
CA GLU C 29 -26.18 -9.58 19.35
C GLU C 29 -25.27 -8.58 18.63
N VAL C 30 -24.95 -8.88 17.37
CA VAL C 30 -24.11 -8.05 16.52
C VAL C 30 -24.65 -6.61 16.39
N LEU C 31 -25.95 -6.49 16.19
CA LEU C 31 -26.59 -5.18 15.99
C LEU C 31 -26.56 -4.27 17.21
N GLN C 32 -26.39 -4.89 18.39
CA GLN C 32 -26.15 -4.14 19.62
C GLN C 32 -24.73 -3.55 19.63
N HIS C 33 -23.81 -4.16 18.88
CA HIS C 33 -22.41 -3.75 18.92
C HIS C 33 -21.88 -2.98 17.71
N VAL C 34 -22.66 -2.88 16.63
CA VAL C 34 -22.27 -2.06 15.47
C VAL C 34 -23.40 -1.22 14.90
N LYS C 35 -23.07 -0.04 14.40
CA LYS C 35 -24.07 0.83 13.77
C LYS C 35 -23.98 0.77 12.26
N ILE C 36 -25.06 0.32 11.61
CA ILE C 36 -25.13 0.39 10.15
C ILE C 36 -25.14 1.85 9.74
N PRO C 37 -24.21 2.26 8.87
CA PRO C 37 -24.20 3.62 8.34
C PRO C 37 -25.41 3.81 7.46
N THR C 38 -26.03 4.97 7.61
CA THR C 38 -27.35 5.18 7.06
C THR C 38 -27.33 5.55 5.59
N HIS C 39 -26.14 5.73 5.04
CA HIS C 39 -26.01 6.13 3.64
C HIS C 39 -26.06 4.91 2.73
N LEU C 40 -26.04 3.72 3.33
CA LEU C 40 -26.08 2.47 2.58
C LEU C 40 -27.52 2.01 2.28
N THR C 41 -27.65 1.18 1.24
CA THR C 41 -28.92 0.54 0.89
C THR C 41 -28.62 -0.93 0.67
N ASP C 42 -29.66 -1.77 0.58
CA ASP C 42 -29.49 -3.20 0.32
C ASP C 42 -28.44 -3.82 1.25
N VAL C 43 -28.60 -3.59 2.55
CA VAL C 43 -27.62 -4.02 3.54
C VAL C 43 -27.81 -5.50 3.90
N VAL C 44 -26.73 -6.25 3.79
CA VAL C 44 -26.72 -7.64 4.20
C VAL C 44 -25.95 -7.76 5.52
N VAL C 45 -26.56 -8.40 6.51
CA VAL C 45 -25.88 -8.68 7.77
C VAL C 45 -25.71 -10.17 7.93
N TYR C 46 -24.50 -10.61 8.22
CA TYR C 46 -24.27 -12.06 8.28
C TYR C 46 -24.64 -12.69 9.62
N GLY C 47 -25.50 -13.71 9.57
CA GLY C 47 -25.95 -14.41 10.76
C GLY C 47 -24.84 -15.15 11.48
N GLN C 48 -24.40 -14.59 12.60
CA GLN C 48 -23.33 -15.15 13.43
C GLN C 48 -23.37 -14.47 14.80
N THR C 49 -22.63 -15.01 15.77
CA THR C 49 -22.55 -14.37 17.08
C THR C 49 -21.53 -13.23 17.03
N TRP C 50 -21.63 -12.28 17.96
CA TRP C 50 -20.67 -11.18 18.04
C TRP C 50 -19.24 -11.69 18.05
N GLU C 51 -18.93 -12.65 18.92
CA GLU C 51 -17.55 -13.17 19.03
C GLU C 51 -16.95 -13.65 17.69
N GLU C 52 -17.78 -14.13 16.79
CA GLU C 52 -17.32 -14.54 15.45
C GLU C 52 -17.29 -13.35 14.48
N ALA C 53 -18.17 -12.37 14.67
CA ALA C 53 -18.16 -11.15 13.85
C ALA C 53 -16.84 -10.40 14.00
N LEU C 54 -16.44 -10.21 15.25
CA LEU C 54 -15.10 -9.74 15.61
C LEU C 54 -14.00 -10.16 14.62
N THR C 55 -14.02 -11.42 14.21
CA THR C 55 -12.91 -12.02 13.45
C THR C 55 -12.95 -11.89 11.93
N ARG C 56 -14.12 -11.60 11.37
CA ARG C 56 -14.26 -11.54 9.91
C ARG C 56 -15.23 -10.48 9.42
N LEU C 57 -15.76 -10.68 8.21
CA LEU C 57 -16.74 -9.79 7.60
C LEU C 57 -18.02 -9.74 8.43
N ILE C 58 -18.61 -8.55 8.52
CA ILE C 58 -19.79 -8.34 9.36
C ILE C 58 -21.03 -7.99 8.57
N PHE C 59 -20.89 -7.07 7.61
CA PHE C 59 -22.00 -6.66 6.75
C PHE C 59 -21.54 -5.90 5.52
N VAL C 60 -22.40 -5.86 4.51
CA VAL C 60 -22.06 -5.19 3.26
C VAL C 60 -23.25 -4.48 2.68
N GLY C 61 -23.02 -3.28 2.16
CA GLY C 61 -24.12 -2.47 1.61
C GLY C 61 -23.67 -1.62 0.44
N SER C 62 -24.65 -1.10 -0.30
CA SER C 62 -24.33 -0.32 -1.49
C SER C 62 -24.33 1.19 -1.21
N ASP C 63 -23.23 1.86 -1.58
CA ASP C 63 -23.18 3.33 -1.52
C ASP C 63 -23.86 3.95 -2.73
N SER C 64 -23.72 5.26 -2.91
CA SER C 64 -24.54 5.96 -3.91
C SER C 64 -24.03 5.80 -5.35
N LYS C 65 -22.76 5.43 -5.50
CA LYS C 65 -22.24 5.05 -6.81
C LYS C 65 -22.74 3.63 -7.18
N GLY C 66 -23.47 2.99 -6.28
CA GLY C 66 -23.88 1.61 -6.46
C GLY C 66 -22.84 0.55 -6.09
N ARG C 67 -21.74 0.97 -5.46
CA ARG C 67 -20.64 0.06 -5.11
C ARG C 67 -20.94 -0.75 -3.85
N ARG C 68 -20.54 -2.02 -3.84
CA ARG C 68 -20.71 -2.82 -2.63
C ARG C 68 -19.58 -2.48 -1.65
N GLN C 69 -19.95 -2.05 -0.45
CA GLN C 69 -18.96 -1.72 0.58
C GLN C 69 -18.99 -2.76 1.69
N TYR C 70 -17.81 -3.11 2.22
CA TYR C 70 -17.60 -4.26 3.11
C TYR C 70 -17.06 -3.85 4.48
N PHE C 71 -17.72 -4.30 5.55
CA PHE C 71 -17.33 -3.90 6.89
C PHE C 71 -16.86 -5.06 7.76
N TYR C 72 -15.68 -4.91 8.34
CA TYR C 72 -15.05 -6.01 9.05
C TYR C 72 -14.96 -5.74 10.56
N GLY C 73 -14.85 -6.81 11.34
CA GLY C 73 -14.68 -6.69 12.78
C GLY C 73 -13.28 -6.31 13.19
N LYS C 74 -13.12 -5.84 14.42
CA LYS C 74 -11.83 -5.39 14.98
C LYS C 74 -10.71 -6.44 15.00
N MET C 75 -11.06 -7.71 15.16
CA MET C 75 -10.06 -8.75 15.09
C MET C 75 -9.62 -8.97 13.65
N HIS C 76 -10.54 -8.87 12.70
CA HIS C 76 -10.13 -9.02 11.32
C HIS C 76 -9.09 -7.96 10.99
N VAL C 77 -9.36 -6.72 11.39
CA VAL C 77 -8.45 -5.63 11.11
C VAL C 77 -7.11 -5.82 11.80
N GLN C 78 -7.12 -6.43 12.99
CA GLN C 78 -5.91 -6.63 13.77
C GLN C 78 -5.01 -7.61 13.06
N ASN C 79 -5.57 -8.76 12.67
CA ASN C 79 -4.83 -9.69 11.81
C ASN C 79 -4.31 -9.02 10.54
N ARG C 80 -5.16 -8.24 9.85
CA ARG C 80 -4.70 -7.51 8.67
C ARG C 80 -3.41 -6.74 8.97
N ASN C 81 -3.45 -5.92 10.02
CA ASN C 81 -2.29 -5.11 10.43
C ASN C 81 -1.08 -5.95 10.82
N ALA C 82 -1.31 -7.03 11.56
CA ALA C 82 -0.21 -7.91 11.98
C ALA C 82 0.60 -8.46 10.80
N LYS C 83 0.00 -8.47 9.61
CA LYS C 83 0.64 -9.04 8.43
C LYS C 83 1.75 -8.15 7.90
N ARG C 84 1.67 -6.85 8.18
CA ARG C 84 2.68 -5.90 7.67
C ARG C 84 4.11 -6.24 8.13
N ASP C 85 4.27 -6.82 9.33
CA ASP C 85 5.58 -7.27 9.81
C ASP C 85 6.21 -8.25 8.84
N ARG C 86 5.47 -9.30 8.51
CA ARG C 86 5.96 -10.37 7.64
C ARG C 86 6.19 -9.88 6.21
N ILE C 87 5.34 -8.96 5.75
CA ILE C 87 5.50 -8.43 4.41
C ILE C 87 6.83 -7.65 4.34
N PHE C 88 7.06 -6.81 5.35
CA PHE C 88 8.27 -6.01 5.40
C PHE C 88 9.49 -6.89 5.31
N VAL C 89 9.54 -7.93 6.13
CA VAL C 89 10.62 -8.90 6.09
C VAL C 89 10.67 -9.69 4.77
N ARG C 90 9.50 -10.03 4.24
CA ARG C 90 9.45 -10.81 3.02
C ARG C 90 10.08 -10.02 1.88
N VAL C 91 9.63 -8.77 1.68
CA VAL C 91 10.14 -7.97 0.57
C VAL C 91 11.64 -7.78 0.72
N TYR C 92 12.08 -7.57 1.96
CA TYR C 92 13.47 -7.28 2.23
C TYR C 92 14.31 -8.43 1.73
N ASN C 93 13.85 -9.65 1.95
CA ASN C 93 14.62 -10.82 1.51
C ASN C 93 14.62 -11.06 -0.02
N VAL C 94 13.71 -10.43 -0.75
CA VAL C 94 13.71 -10.60 -2.20
C VAL C 94 14.24 -9.40 -2.99
N MET C 95 14.55 -8.30 -2.30
CA MET C 95 15.11 -7.15 -2.98
C MET C 95 16.33 -7.49 -3.85
N LYS C 96 17.28 -8.23 -3.30
CA LYS C 96 18.45 -8.64 -4.06
C LYS C 96 18.04 -9.32 -5.38
N ARG C 97 17.01 -10.17 -5.36
CA ARG C 97 16.57 -10.86 -6.59
C ARG C 97 15.88 -9.88 -7.55
N ILE C 98 15.00 -9.04 -7.02
CA ILE C 98 14.36 -7.97 -7.80
C ILE C 98 15.37 -7.09 -8.54
N ASN C 99 16.36 -6.55 -7.82
CA ASN C 99 17.40 -5.77 -8.45
C ASN C 99 18.11 -6.58 -9.51
N SER C 100 18.38 -7.85 -9.20
CA SER C 100 19.07 -8.72 -10.13
C SER C 100 18.28 -8.84 -11.44
N PHE C 101 16.98 -9.06 -11.30
CA PHE C 101 16.07 -9.07 -12.45
C PHE C 101 16.07 -7.74 -13.20
N ILE C 102 15.98 -6.64 -12.45
CA ILE C 102 16.02 -5.31 -13.04
C ILE C 102 17.27 -5.14 -13.92
N ASN C 103 18.45 -5.39 -13.34
CA ASN C 103 19.69 -5.09 -14.05
C ASN C 103 20.03 -6.03 -15.20
N LYS C 104 19.38 -7.19 -15.25
CA LYS C 104 19.56 -8.11 -16.37
C LYS C 104 18.81 -7.62 -17.59
N ASN C 105 17.70 -6.93 -17.36
CA ASN C 105 16.77 -6.59 -18.41
C ASN C 105 16.81 -5.15 -18.93
N ILE C 106 17.39 -4.24 -18.15
CA ILE C 106 17.44 -2.84 -18.57
C ILE C 106 18.48 -2.52 -19.66
N LYS C 107 19.23 -3.51 -20.11
CA LYS C 107 20.04 -3.32 -21.31
C LYS C 107 19.40 -3.96 -22.55
N LYS C 108 18.12 -4.38 -22.42
CA LYS C 108 17.38 -5.09 -23.49
C LYS C 108 16.64 -4.19 -24.48
N SER C 109 15.91 -4.83 -25.40
CA SER C 109 15.18 -4.13 -26.47
C SER C 109 14.01 -3.32 -25.92
N SER C 110 13.76 -2.17 -26.54
CA SER C 110 12.78 -1.16 -26.07
C SER C 110 11.33 -1.69 -25.93
N THR C 111 10.93 -2.55 -26.87
CA THR C 111 9.60 -3.18 -26.88
C THR C 111 9.69 -4.67 -26.47
N ASP C 112 10.54 -4.93 -25.48
CA ASP C 112 10.59 -6.23 -24.82
C ASP C 112 9.78 -6.09 -23.54
N SER C 113 8.86 -7.02 -23.35
CA SER C 113 8.05 -7.07 -22.13
C SER C 113 8.92 -7.03 -20.89
N ASN C 114 9.97 -7.86 -20.87
CA ASN C 114 10.91 -7.93 -19.75
C ASN C 114 11.66 -6.63 -19.46
N TYR C 115 12.04 -5.91 -20.51
CA TYR C 115 12.61 -4.58 -20.36
C TYR C 115 11.57 -3.67 -19.73
N GLN C 116 10.33 -3.72 -20.26
CA GLN C 116 9.27 -2.86 -19.72
C GLN C 116 8.97 -3.17 -18.27
N LEU C 117 8.99 -4.45 -17.90
CA LEU C 117 8.79 -4.85 -16.52
C LEU C 117 9.91 -4.38 -15.61
N ALA C 118 11.14 -4.52 -16.11
CA ALA C 118 12.31 -4.05 -15.41
C ALA C 118 12.13 -2.58 -15.02
N VAL C 119 11.81 -1.73 -16.00
CA VAL C 119 11.56 -0.32 -15.73
C VAL C 119 10.40 -0.16 -14.75
N PHE C 120 9.34 -0.90 -14.97
CA PHE C 120 8.15 -0.87 -14.11
C PHE C 120 8.58 -1.15 -12.67
N MET C 121 9.37 -2.20 -12.49
CA MET C 121 9.83 -2.63 -11.17
C MET C 121 10.79 -1.61 -10.54
N LEU C 122 11.55 -0.89 -11.36
CA LEU C 122 12.49 0.09 -10.86
C LEU C 122 11.78 1.41 -10.48
N MET C 123 10.78 1.81 -11.25
CA MET C 123 9.95 2.95 -10.85
C MET C 123 9.25 2.66 -9.52
N GLU C 124 8.70 1.45 -9.40
CA GLU C 124 8.06 0.99 -8.19
C GLU C 124 8.96 0.98 -6.95
N THR C 125 10.17 0.43 -7.06
CA THR C 125 11.05 0.37 -5.91
C THR C 125 11.67 1.73 -5.62
N MET C 126 11.57 2.64 -6.57
CA MET C 126 12.09 3.99 -6.42
C MET C 126 11.05 4.97 -5.87
N PHE C 127 9.77 4.81 -6.23
CA PHE C 127 8.75 5.83 -5.90
C PHE C 127 7.50 5.30 -5.22
N PHE C 128 7.38 3.98 -5.13
CA PHE C 128 6.30 3.35 -4.37
C PHE C 128 4.91 3.63 -4.93
N ILE C 129 4.84 4.14 -6.17
CA ILE C 129 3.56 4.43 -6.86
C ILE C 129 2.64 3.21 -6.84
N ARG C 130 1.33 3.44 -6.71
CA ARG C 130 0.39 2.33 -6.66
C ARG C 130 0.30 1.65 -8.03
N PHE C 131 -0.09 0.37 -8.01
CA PHE C 131 -0.22 -0.45 -9.22
C PHE C 131 -0.84 0.30 -10.42
N GLY C 132 -1.97 0.98 -10.21
CA GLY C 132 -2.69 1.71 -11.25
C GLY C 132 -3.62 0.89 -12.16
N LYS C 133 -4.65 0.29 -11.59
CA LYS C 133 -5.53 -0.58 -12.35
C LYS C 133 -6.26 0.19 -13.42
N MET C 134 -6.36 -0.39 -14.62
CA MET C 134 -7.14 0.21 -15.71
C MET C 134 -8.52 0.73 -15.30
N LYS C 135 -9.27 -0.14 -14.62
CA LYS C 135 -10.55 0.17 -14.02
C LYS C 135 -10.67 1.60 -13.47
N TYR C 136 -9.68 2.07 -12.72
CA TYR C 136 -9.83 3.38 -12.07
C TYR C 136 -9.50 4.54 -12.99
N LEU C 137 -8.79 4.24 -14.07
CA LEU C 137 -8.50 5.24 -15.10
C LEU C 137 -9.77 5.52 -15.87
N LYS C 138 -10.52 4.46 -16.18
CA LYS C 138 -11.80 4.61 -16.89
C LYS C 138 -12.86 5.29 -16.02
N GLU C 139 -12.99 4.82 -14.79
CA GLU C 139 -14.01 5.33 -13.90
C GLU C 139 -13.73 6.71 -13.33
N ASN C 140 -12.50 6.95 -12.89
CA ASN C 140 -12.21 8.15 -12.13
C ASN C 140 -11.07 9.03 -12.66
N GLU C 141 -10.44 8.64 -13.76
CA GLU C 141 -9.26 9.38 -14.31
C GLU C 141 -7.99 9.21 -13.47
N THR C 142 -8.02 8.21 -12.59
CA THR C 142 -6.90 7.93 -11.71
C THR C 142 -5.77 7.27 -12.49
N VAL C 143 -4.57 7.81 -12.34
CA VAL C 143 -3.41 7.14 -12.91
C VAL C 143 -2.47 6.60 -11.82
N GLY C 144 -1.97 5.39 -12.05
CA GLY C 144 -0.98 4.74 -11.19
C GLY C 144 0.13 4.26 -12.11
N LEU C 145 0.89 3.27 -11.69
CA LEU C 145 2.07 2.88 -12.46
C LEU C 145 1.71 2.36 -13.88
N LEU C 146 0.83 1.37 -13.95
CA LEU C 146 0.49 0.72 -15.24
C LEU C 146 -0.25 1.66 -16.19
N THR C 147 -0.87 2.70 -15.67
CA THR C 147 -1.76 3.54 -16.46
C THR C 147 -1.08 4.86 -16.89
N LEU C 148 0.18 4.99 -16.54
CA LEU C 148 1.00 6.14 -16.93
C LEU C 148 1.07 6.24 -18.44
N LYS C 149 0.95 7.47 -18.94
CA LYS C 149 1.02 7.72 -20.37
C LYS C 149 2.19 8.65 -20.67
N ASN C 150 2.57 8.76 -21.94
CA ASN C 150 3.72 9.59 -22.29
C ASN C 150 3.57 11.06 -21.91
N LYS C 151 2.33 11.54 -21.83
CA LYS C 151 2.11 12.93 -21.45
C LYS C 151 2.53 13.17 -19.99
N HIS C 152 2.56 12.10 -19.19
CA HIS C 152 2.96 12.20 -17.80
C HIS C 152 4.49 12.25 -17.65
N ILE C 153 5.23 12.14 -18.75
CA ILE C 153 6.71 12.15 -18.73
C ILE C 153 7.29 13.41 -19.41
N GLU C 154 7.80 14.34 -18.61
CA GLU C 154 8.35 15.61 -19.14
C GLU C 154 9.88 15.49 -19.24
N ILE C 155 10.43 15.65 -20.44
CA ILE C 155 11.88 15.50 -20.57
C ILE C 155 12.63 16.82 -20.62
N SER C 156 13.60 16.95 -19.72
CA SER C 156 14.53 18.09 -19.68
C SER C 156 15.93 17.56 -19.97
N PRO C 157 16.85 18.44 -20.41
CA PRO C 157 18.18 17.90 -20.70
C PRO C 157 18.97 17.39 -19.48
N ASP C 158 18.44 17.53 -18.25
CA ASP C 158 19.16 17.04 -17.08
C ASP C 158 18.35 16.22 -16.08
N LYS C 159 17.05 16.19 -16.29
CA LYS C 159 16.11 15.44 -15.44
C LYS C 159 14.89 15.01 -16.26
N ILE C 160 14.16 14.03 -15.73
CA ILE C 160 12.86 13.63 -16.25
C ILE C 160 11.91 13.79 -15.09
N VAL C 161 10.78 14.45 -15.33
CA VAL C 161 9.76 14.57 -14.31
C VAL C 161 8.56 13.72 -14.69
N ILE C 162 8.12 12.88 -13.75
CA ILE C 162 6.89 12.10 -13.91
C ILE C 162 5.81 12.82 -13.12
N LYS C 163 4.80 13.33 -13.80
CA LYS C 163 3.76 14.14 -13.17
C LYS C 163 2.40 13.54 -13.51
N PHE C 164 1.58 13.23 -12.50
CA PHE C 164 0.26 12.65 -12.76
C PHE C 164 -0.67 12.81 -11.56
N VAL C 165 -1.97 12.67 -11.80
CA VAL C 165 -2.96 12.67 -10.72
C VAL C 165 -3.29 11.24 -10.34
N GLY C 166 -3.00 10.88 -9.10
CA GLY C 166 -3.34 9.55 -8.57
C GLY C 166 -4.59 9.49 -7.70
N LYS C 167 -4.63 8.49 -6.82
CA LYS C 167 -5.80 8.22 -5.99
C LYS C 167 -6.27 9.43 -5.21
N ASP C 168 -7.58 9.63 -5.21
CA ASP C 168 -8.25 10.68 -4.43
C ASP C 168 -7.93 12.04 -4.99
N LYS C 169 -7.66 12.09 -6.29
CA LYS C 169 -7.31 13.35 -6.96
C LYS C 169 -5.99 13.95 -6.47
N VAL C 170 -5.18 13.20 -5.72
CA VAL C 170 -3.87 13.70 -5.27
C VAL C 170 -2.82 13.78 -6.42
N SER C 171 -2.24 14.95 -6.54
CA SER C 171 -1.32 15.27 -7.60
C SER C 171 0.12 14.88 -7.22
N HIS C 172 0.77 14.06 -8.04
CA HIS C 172 2.13 13.61 -7.74
C HIS C 172 3.18 14.13 -8.72
N GLU C 173 4.39 14.40 -8.20
CA GLU C 173 5.55 14.79 -9.03
C GLU C 173 6.78 14.02 -8.57
N PHE C 174 7.32 13.15 -9.43
CA PHE C 174 8.58 12.49 -9.11
C PHE C 174 9.67 12.90 -10.07
N VAL C 175 10.89 13.04 -9.58
CA VAL C 175 11.95 13.52 -10.45
C VAL C 175 13.15 12.60 -10.54
N VAL C 176 13.55 12.31 -11.79
CA VAL C 176 14.66 11.42 -12.08
C VAL C 176 15.82 12.19 -12.66
N HIS C 177 16.90 12.33 -11.89
CA HIS C 177 18.10 13.05 -12.36
C HIS C 177 18.99 12.18 -13.24
N LYS C 178 19.77 12.85 -14.10
CA LYS C 178 20.70 12.17 -15.01
C LYS C 178 21.52 11.04 -14.38
N SER C 179 21.96 11.22 -13.14
CA SER C 179 22.83 10.23 -12.46
C SER C 179 22.09 8.98 -12.02
N ASN C 180 20.78 9.14 -11.81
CA ASN C 180 19.86 8.07 -11.50
C ASN C 180 19.86 6.98 -12.56
N ARG C 181 19.78 5.71 -12.15
CA ARG C 181 19.90 4.58 -13.09
C ARG C 181 18.62 4.35 -13.86
N LEU C 182 17.60 5.11 -13.51
CA LEU C 182 16.31 5.07 -14.17
C LEU C 182 16.28 6.03 -15.33
N TYR C 183 17.20 7.01 -15.37
CA TYR C 183 17.18 8.00 -16.42
C TYR C 183 17.26 7.36 -17.81
N LYS C 184 18.43 6.84 -18.13
CA LYS C 184 18.67 6.24 -19.43
C LYS C 184 17.49 5.37 -19.89
N PRO C 185 17.09 4.35 -19.09
CA PRO C 185 16.06 3.43 -19.58
C PRO C 185 14.67 4.04 -19.70
N LEU C 186 14.40 5.09 -18.94
CA LEU C 186 13.09 5.72 -19.00
C LEU C 186 13.00 6.64 -20.22
N LEU C 187 14.09 7.34 -20.51
CA LEU C 187 14.16 8.20 -21.66
C LEU C 187 14.01 7.36 -22.94
N LYS C 188 14.54 6.15 -22.89
CA LYS C 188 14.53 5.24 -24.02
C LYS C 188 13.13 4.65 -24.24
N LEU C 189 12.38 4.46 -23.16
CA LEU C 189 11.06 3.81 -23.23
C LEU C 189 9.94 4.74 -23.69
N THR C 190 10.01 5.99 -23.28
CA THR C 190 8.95 6.96 -23.54
C THR C 190 9.05 7.51 -24.95
N ASP C 191 7.90 7.62 -25.61
CA ASP C 191 7.87 8.23 -26.93
C ASP C 191 7.19 9.60 -26.89
N ASP C 192 7.98 10.66 -27.05
CA ASP C 192 7.43 12.02 -27.09
C ASP C 192 6.36 12.14 -28.17
N SER C 193 6.63 11.58 -29.35
CA SER C 193 5.78 11.73 -30.54
C SER C 193 4.42 11.01 -30.50
N SER C 194 4.01 10.54 -29.32
CA SER C 194 2.63 10.08 -29.12
C SER C 194 2.29 10.10 -27.63
N PRO C 195 1.80 11.25 -27.13
CA PRO C 195 1.55 11.48 -25.70
C PRO C 195 0.34 10.73 -25.13
N GLU C 196 -0.57 10.31 -26.01
CA GLU C 196 -1.83 9.74 -25.56
C GLU C 196 -1.72 8.23 -25.29
N GLU C 197 -0.56 7.68 -25.63
CA GLU C 197 -0.25 6.25 -25.46
C GLU C 197 0.29 5.88 -24.07
N PHE C 198 0.04 4.64 -23.65
CA PHE C 198 0.60 4.10 -22.41
C PHE C 198 2.10 3.89 -22.48
N LEU C 199 2.79 4.30 -21.43
CA LEU C 199 4.22 4.11 -21.29
C LEU C 199 4.57 2.64 -21.39
N PHE C 200 3.98 1.82 -20.53
CA PHE C 200 4.18 0.38 -20.57
C PHE C 200 3.23 -0.30 -21.55
N ASN C 201 3.41 0.00 -22.84
CA ASN C 201 2.50 -0.41 -23.92
C ASN C 201 2.58 -1.90 -24.29
N LYS C 202 3.57 -2.60 -23.76
CA LYS C 202 3.68 -4.04 -24.01
C LYS C 202 3.32 -4.84 -22.77
N LEU C 203 3.00 -4.16 -21.66
CA LEU C 203 2.55 -4.80 -20.42
C LEU C 203 1.02 -4.82 -20.30
N SER C 204 0.53 -5.36 -19.18
CA SER C 204 -0.91 -5.50 -18.87
C SER C 204 -0.99 -6.02 -17.45
N GLU C 205 -2.16 -5.94 -16.84
CA GLU C 205 -2.37 -6.46 -15.49
C GLU C 205 -1.89 -7.90 -15.39
N ARG C 206 -2.29 -8.72 -16.37
CA ARG C 206 -1.89 -10.13 -16.35
C ARG C 206 -0.38 -10.33 -16.43
N LYS C 207 0.29 -9.56 -17.28
CA LYS C 207 1.74 -9.69 -17.43
C LYS C 207 2.47 -9.37 -16.12
N VAL C 208 2.04 -8.31 -15.45
CA VAL C 208 2.61 -7.89 -14.19
C VAL C 208 2.39 -8.94 -13.11
N TYR C 209 1.16 -9.44 -12.99
CA TYR C 209 0.86 -10.43 -11.97
C TYR C 209 1.78 -11.63 -12.11
N GLU C 210 1.94 -12.13 -13.34
CA GLU C 210 2.76 -13.32 -13.61
C GLU C 210 4.21 -13.08 -13.27
N SER C 211 4.70 -11.90 -13.63
CA SER C 211 6.07 -11.52 -13.42
C SER C 211 6.39 -11.37 -11.91
N ILE C 212 5.61 -10.56 -11.18
CA ILE C 212 5.84 -10.39 -9.74
C ILE C 212 5.71 -11.71 -8.94
N LYS C 213 4.94 -12.67 -9.48
CA LYS C 213 4.64 -13.93 -8.82
C LYS C 213 5.93 -14.66 -8.45
N GLN C 214 6.97 -14.45 -9.25
CA GLN C 214 8.24 -15.15 -9.06
C GLN C 214 8.99 -14.71 -7.80
N PHE C 215 8.73 -13.49 -7.32
CA PHE C 215 9.34 -13.04 -6.08
C PHE C 215 8.44 -13.34 -4.88
N GLY C 216 7.25 -13.88 -5.16
CA GLY C 216 6.29 -14.25 -4.12
C GLY C 216 5.74 -13.08 -3.35
N ILE C 217 5.58 -11.94 -4.02
CA ILE C 217 4.96 -10.76 -3.42
C ILE C 217 4.01 -10.14 -4.43
N ARG C 218 3.30 -9.10 -4.01
CA ARG C 218 2.37 -8.40 -4.84
C ARG C 218 2.88 -7.00 -4.93
N ILE C 219 2.58 -6.31 -6.02
CA ILE C 219 3.05 -4.95 -6.20
C ILE C 219 2.77 -4.08 -4.98
N LYS C 220 1.55 -4.15 -4.41
CA LYS C 220 1.27 -3.34 -3.20
C LYS C 220 2.26 -3.61 -2.05
N ASP C 221 2.81 -4.82 -1.98
CA ASP C 221 3.84 -5.12 -0.98
C ASP C 221 5.11 -4.28 -1.14
N LEU C 222 5.47 -3.95 -2.39
CA LEU C 222 6.62 -3.08 -2.66
C LEU C 222 6.34 -1.70 -2.04
N ARG C 223 5.12 -1.21 -2.20
CA ARG C 223 4.72 0.07 -1.58
C ARG C 223 4.78 -0.02 -0.05
N THR C 224 4.23 -1.08 0.55
CA THR C 224 4.30 -1.26 2.01
C THR C 224 5.74 -1.28 2.46
N TYR C 225 6.58 -1.99 1.72
CA TYR C 225 7.97 -1.98 2.06
C TYR C 225 8.61 -0.58 1.95
N GLY C 226 8.37 0.08 0.83
CA GLY C 226 8.96 1.39 0.59
C GLY C 226 8.65 2.36 1.73
N VAL C 227 7.42 2.28 2.27
CA VAL C 227 7.02 3.20 3.33
C VAL C 227 7.83 2.90 4.58
N ASN C 228 8.04 1.63 4.87
CA ASN C 228 8.81 1.26 6.06
C ASN C 228 10.28 1.60 5.92
N TYR C 229 10.82 1.33 4.73
CA TYR C 229 12.20 1.60 4.50
C TYR C 229 12.45 3.11 4.59
N THR C 230 11.62 3.91 3.93
CA THR C 230 11.74 5.37 4.01
C THR C 230 11.60 5.84 5.46
N PHE C 231 10.60 5.33 6.17
CA PHE C 231 10.53 5.62 7.61
C PHE C 231 11.87 5.33 8.28
N LEU C 232 12.47 4.19 8.04
CA LEU C 232 13.72 3.83 8.71
C LEU C 232 14.85 4.77 8.33
N TYR C 233 14.92 5.11 7.04
CA TYR C 233 15.97 5.99 6.57
C TYR C 233 15.86 7.36 7.22
N ASN C 234 14.64 7.91 7.24
CA ASN C 234 14.39 9.18 7.90
C ASN C 234 14.59 9.11 9.41
N PHE C 235 14.14 8.02 10.02
CA PHE C 235 14.32 7.88 11.46
C PHE C 235 15.79 7.89 11.79
N TRP C 236 16.57 7.09 11.05
CA TRP C 236 18.00 7.01 11.23
C TRP C 236 18.67 8.38 11.05
N THR C 237 18.42 9.04 9.92
CA THR C 237 18.90 10.41 9.65
C THR C 237 18.50 11.43 10.74
N ASN C 238 17.23 11.42 11.14
CA ASN C 238 16.75 12.31 12.19
C ASN C 238 17.56 12.12 13.47
N VAL C 239 17.61 10.89 13.98
CA VAL C 239 18.41 10.60 15.17
C VAL C 239 19.85 11.11 15.00
N LYS C 240 20.38 10.92 13.79
CA LYS C 240 21.74 11.27 13.48
C LYS C 240 22.02 12.78 13.38
N SER C 241 20.98 13.60 13.14
CA SER C 241 21.20 15.02 12.80
C SER C 241 20.57 16.05 13.74
N ILE C 242 19.45 15.70 14.37
CA ILE C 242 18.61 16.70 15.04
C ILE C 242 19.11 17.05 16.44
N SER C 243 19.30 18.37 16.69
CA SER C 243 19.73 18.97 17.97
C SER C 243 19.24 18.19 19.19
N PRO C 244 20.10 17.99 20.20
CA PRO C 244 20.15 16.86 21.10
C PRO C 244 19.23 15.70 20.77
N LEU C 245 17.92 15.82 21.03
CA LEU C 245 16.86 14.91 20.53
C LEU C 245 15.51 15.16 21.21
N PRO C 246 14.40 15.11 20.43
CA PRO C 246 13.10 15.17 21.07
C PRO C 246 12.69 13.82 21.67
N SER C 247 11.52 13.77 22.29
CA SER C 247 10.94 12.52 22.81
C SER C 247 10.66 11.53 21.67
N PRO C 248 10.86 10.22 21.93
CA PRO C 248 10.55 9.21 20.91
C PRO C 248 9.14 9.39 20.31
N LYS C 249 8.20 9.81 21.16
CA LYS C 249 6.83 10.15 20.77
C LYS C 249 6.79 11.17 19.64
N LYS C 250 7.55 12.26 19.80
CA LYS C 250 7.60 13.31 18.78
C LYS C 250 8.56 12.98 17.63
N LEU C 251 9.52 12.11 17.89
CA LEU C 251 10.48 11.69 16.87
C LEU C 251 9.81 10.78 15.84
N ILE C 252 8.95 9.89 16.32
CA ILE C 252 8.10 9.07 15.45
C ILE C 252 7.15 9.96 14.65
N ALA C 253 6.58 10.98 15.28
CA ALA C 253 5.61 11.84 14.60
C ALA C 253 6.24 12.59 13.43
N LEU C 254 7.46 13.07 13.65
CA LEU C 254 8.21 13.79 12.63
C LEU C 254 8.61 12.86 11.50
N THR C 255 9.15 11.71 11.85
CA THR C 255 9.55 10.76 10.87
C THR C 255 8.34 10.36 10.02
N ILE C 256 7.20 10.15 10.67
CA ILE C 256 6.00 9.77 9.91
C ILE C 256 5.57 10.89 8.93
N LYS C 257 5.53 12.15 9.41
CA LYS C 257 5.31 13.31 8.53
C LYS C 257 6.25 13.32 7.30
N GLN C 258 7.55 13.19 7.53
CA GLN C 258 8.50 13.27 6.44
C GLN C 258 8.24 12.16 5.46
N THR C 259 7.94 10.98 5.99
CA THR C 259 7.78 9.81 5.16
C THR C 259 6.51 9.92 4.37
N ALA C 260 5.46 10.42 5.02
CA ALA C 260 4.15 10.54 4.38
C ALA C 260 4.24 11.49 3.20
N GLU C 261 4.94 12.62 3.36
CA GLU C 261 5.13 13.60 2.29
C GLU C 261 5.90 13.01 1.09
N VAL C 262 7.00 12.30 1.35
CA VAL C 262 7.70 11.62 0.28
C VAL C 262 6.73 10.69 -0.47
N VAL C 263 6.03 9.84 0.26
CA VAL C 263 5.22 8.84 -0.40
C VAL C 263 4.02 9.49 -1.08
N GLY C 264 3.48 10.52 -0.42
CA GLY C 264 2.35 11.28 -0.95
C GLY C 264 1.00 10.83 -0.43
N HIS C 265 0.87 10.60 0.87
CA HIS C 265 -0.44 10.30 1.50
C HIS C 265 -0.38 10.86 2.92
N THR C 266 -1.49 10.86 3.67
CA THR C 266 -1.50 11.53 4.97
C THR C 266 -0.69 10.71 5.97
N PRO C 267 -0.06 11.38 6.94
CA PRO C 267 0.58 10.73 8.09
C PRO C 267 -0.30 9.70 8.76
N SER C 268 -1.56 10.03 8.96
CA SER C 268 -2.47 9.11 9.60
C SER C 268 -2.54 7.79 8.79
N ILE C 269 -2.64 7.90 7.47
CA ILE C 269 -2.76 6.71 6.64
C ILE C 269 -1.45 5.92 6.66
N SER C 270 -0.34 6.62 6.58
CA SER C 270 0.96 5.98 6.66
C SER C 270 1.10 5.11 7.93
N LYS C 271 0.80 5.67 9.10
CA LYS C 271 0.99 4.96 10.35
C LYS C 271 0.07 3.76 10.40
N ARG C 272 -1.12 3.92 9.84
CA ARG C 272 -2.24 3.05 10.12
C ARG C 272 -2.32 1.86 9.17
N ALA C 273 -1.96 2.08 7.92
CA ALA C 273 -2.13 1.10 6.87
C ALA C 273 -0.80 0.65 6.24
N PTR C 274 0.32 1.23 6.65
CA PTR C 274 1.59 0.90 6.04
C PTR C 274 2.67 0.42 7.01
O PTR C 274 3.30 -0.62 6.79
CB PTR C 274 1.99 2.12 5.23
CG PTR C 274 1.12 2.23 3.99
CD1 PTR C 274 0.11 3.16 3.90
CD2 PTR C 274 1.31 1.38 2.91
CE1 PTR C 274 -0.70 3.23 2.79
CE2 PTR C 274 0.53 1.43 1.79
CZ PTR C 274 -0.47 2.36 1.72
OH PTR C 274 -1.15 2.38 0.67
P PTR C 274 -2.30 3.47 0.35
O1P PTR C 274 -1.72 4.80 0.49
O2P PTR C 274 -2.82 3.22 -1.07
O3P PTR C 274 -3.44 3.40 1.35
N MET C 275 2.87 1.19 8.08
CA MET C 275 3.94 0.91 9.04
C MET C 275 3.76 -0.44 9.72
N ALA C 276 4.86 -1.19 9.79
CA ALA C 276 4.89 -2.47 10.53
C ALA C 276 4.72 -2.20 12.03
N THR C 277 3.73 -2.81 12.66
CA THR C 277 3.44 -2.52 14.06
C THR C 277 4.67 -2.67 14.97
N THR C 278 5.51 -3.66 14.67
CA THR C 278 6.66 -3.94 15.50
C THR C 278 7.67 -2.81 15.45
N ILE C 279 7.95 -2.33 14.24
CA ILE C 279 8.76 -1.12 14.06
C ILE C 279 8.20 0.02 14.94
N LEU C 280 6.89 0.28 14.85
CA LEU C 280 6.29 1.34 15.65
C LEU C 280 6.48 1.14 17.15
N GLU C 281 6.45 -0.12 17.58
CA GLU C 281 6.58 -0.45 18.99
C GLU C 281 8.05 -0.40 19.40
N MET C 282 8.92 -0.89 18.54
CA MET C 282 10.36 -0.97 18.78
C MET C 282 11.02 0.39 18.98
N VAL C 283 10.60 1.35 18.18
CA VAL C 283 11.19 2.68 18.12
C VAL C 283 10.74 3.59 19.27
N LYS C 284 9.71 3.17 20.00
CA LYS C 284 9.24 3.89 21.19
C LYS C 284 10.27 3.86 22.31
N ASP C 285 10.94 2.72 22.45
CA ASP C 285 11.89 2.45 23.52
C ASP C 285 13.06 3.46 23.52
N LYS C 286 13.18 4.22 24.61
CA LYS C 286 14.23 5.24 24.75
C LYS C 286 15.65 4.67 24.67
N ASN C 287 15.91 3.57 25.39
CA ASN C 287 17.21 2.87 25.33
C ASN C 287 17.64 2.46 23.92
N PHE C 288 16.65 2.25 23.05
CA PHE C 288 16.90 1.87 21.66
C PHE C 288 17.51 2.99 20.81
N LEU C 289 17.26 4.25 21.19
CA LEU C 289 17.83 5.39 20.48
C LEU C 289 19.35 5.49 20.64
N ASP C 290 19.88 4.93 21.73
CA ASP C 290 21.33 4.84 21.93
C ASP C 290 21.87 3.94 20.84
N VAL C 291 21.21 2.79 20.69
CA VAL C 291 21.59 1.79 19.71
C VAL C 291 21.65 2.38 18.29
N VAL C 292 20.57 3.04 17.86
CA VAL C 292 20.50 3.62 16.51
C VAL C 292 21.70 4.52 16.23
N SER C 293 21.97 5.40 17.19
CA SER C 293 22.92 6.49 17.04
C SER C 293 24.30 6.08 16.54
N LYS C 294 24.76 4.91 16.97
CA LYS C 294 26.12 4.44 16.69
C LYS C 294 26.18 3.49 15.50
N THR C 295 25.22 3.57 14.59
CA THR C 295 25.14 2.62 13.48
C THR C 295 25.18 3.28 12.10
N THR C 296 25.71 2.55 11.11
CA THR C 296 25.50 2.93 9.72
C THR C 296 24.07 2.52 9.40
N PHE C 297 23.47 3.08 8.35
CA PHE C 297 22.06 2.80 8.12
C PHE C 297 21.83 1.32 7.83
N ASP C 298 22.73 0.74 7.06
CA ASP C 298 22.69 -0.69 6.75
C ASP C 298 22.65 -1.60 7.96
N GLU C 299 23.53 -1.38 8.93
CA GLU C 299 23.46 -2.20 10.13
C GLU C 299 22.20 -1.91 10.94
N PHE C 300 21.65 -0.70 10.79
CA PHE C 300 20.35 -0.37 11.42
C PHE C 300 19.22 -1.15 10.75
N LEU C 301 19.16 -1.11 9.43
CA LEU C 301 18.12 -1.82 8.71
C LEU C 301 18.11 -3.29 9.14
N SER C 302 19.29 -3.85 9.31
CA SER C 302 19.47 -5.24 9.71
C SER C 302 18.97 -5.57 11.09
N ILE C 303 19.33 -4.75 12.06
CA ILE C 303 18.84 -4.92 13.42
C ILE C 303 17.29 -4.93 13.42
N VAL C 304 16.69 -4.01 12.67
CA VAL C 304 15.25 -3.92 12.66
C VAL C 304 14.67 -5.18 11.99
N VAL C 305 15.18 -5.55 10.82
CA VAL C 305 14.70 -6.75 10.14
C VAL C 305 14.71 -7.94 11.11
N ASP C 306 15.88 -8.22 11.69
CA ASP C 306 16.05 -9.29 12.67
C ASP C 306 15.05 -9.27 13.81
N HIS C 307 14.88 -8.12 14.43
CA HIS C 307 13.97 -8.02 15.56
C HIS C 307 12.52 -8.29 15.15
N VAL C 308 12.11 -7.74 14.01
CA VAL C 308 10.77 -7.94 13.47
C VAL C 308 10.57 -9.40 13.08
N LYS C 309 11.58 -9.99 12.43
CA LYS C 309 11.60 -11.41 12.07
C LYS C 309 11.23 -12.26 13.28
N SER C 310 11.94 -12.06 14.37
CA SER C 310 11.89 -12.98 15.50
C SER C 310 10.91 -12.58 16.61
N SER C 311 10.47 -11.32 16.63
CA SER C 311 9.36 -10.95 17.47
C SER C 311 8.06 -11.46 16.84
N THR C 312 8.08 -11.62 15.51
CA THR C 312 7.01 -12.27 14.76
C THR C 312 6.95 -13.79 15.01
N ASP C 313 7.84 -14.26 15.90
CA ASP C 313 7.95 -15.68 16.33
C ASP C 313 8.22 -16.66 15.17
N GLY C 314 8.72 -16.12 14.06
CA GLY C 314 9.05 -16.90 12.87
C GLY C 314 10.46 -16.59 12.38
#